data_2FPT
#
_entry.id   2FPT
#
_cell.length_a   90.651
_cell.length_b   90.651
_cell.length_c   123.072
_cell.angle_alpha   90.00
_cell.angle_beta   90.00
_cell.angle_gamma   120.00
#
_symmetry.space_group_name_H-M   'P 32 2 1'
#
loop_
_entity.id
_entity.type
_entity.pdbx_description
1 polymer 'Dihydroorotate dehydrogenase, mitochondrial'
2 non-polymer 'SULFATE ION'
3 non-polymer 'ACETATE ION'
4 non-polymer 'FLAVIN MONONUCLEOTIDE'
5 non-polymer 'OROTIC ACID'
6 non-polymer "2-({[3,5-DIFLUORO-3'-(TRIFLUOROMETHOXY)BIPHENYL-4-YL]AMINO}CARBONYL)CYCLOPENT-1-ENE-1-CARBOXYLIC ACID"
7 water water
#
_entity_poly.entity_id   1
_entity_poly.type   'polypeptide(L)'
_entity_poly.pdbx_seq_one_letter_code
;MGHHHHHHHHHHSSGHIDDDDKHMLEDPMATGDERFYAEHLMPTLQGLLDPESAHRLAVRFTSLGLLPRARFQDSDMLEV
RVLGHKFRNPVGIAAGFDKHGEAVDGLYKMGFGFVEIGSVTPKPQEGNPRPRVFRLPEDQAVINRYGFNSHGLSVVEHRL
RARQQKQAKLTEDGLPLGVNLGKNKTSVDAAEDYAEGVRVLGPLADYLVVNVSSPNTAGLRSLQGKAELRRLLTKVLQER
DGLRRVHRPAVLVKIAPDLTSQDKEDIASVVKELGIDGLIVTNTTVSRPAGLQGALRSETGGLSGKPLRDLSTQTIREMY
ALTQGRVPIIGVGGVSSGQDALEKIRAGASLVQLYTALTFWGPPVVGKVKRELEALLKEQGFGGVTDAIGADHRR
;
_entity_poly.pdbx_strand_id   A
#
loop_
_chem_comp.id
_chem_comp.type
_chem_comp.name
_chem_comp.formula
ACT non-polymer 'ACETATE ION' 'C2 H3 O2 -1'
FMN non-polymer 'FLAVIN MONONUCLEOTIDE' 'C17 H21 N4 O9 P'
ILB non-polymer '2-({[3,5-DIFLUORO-3'-(TRIFLUOROMETHOXY)BIPHENYL-4-YL]AMINO}CARBONYL)CYCLOPENT-1-ENE-1-CARBOXYLIC ACID' 'C20 H14 F5 N O4'
ORO non-polymer 'OROTIC ACID' 'C5 H4 N2 O4'
SO4 non-polymer 'SULFATE ION' 'O4 S -2'
#
# COMPACT_ATOMS: atom_id res chain seq x y z
N MET A 29 -4.08 10.88 -24.80
CA MET A 29 -5.23 10.82 -23.86
C MET A 29 -5.64 9.38 -23.55
N ALA A 30 -6.61 8.86 -24.31
CA ALA A 30 -7.10 7.50 -24.12
C ALA A 30 -6.10 6.49 -24.65
N THR A 31 -5.19 6.94 -25.51
CA THR A 31 -4.18 6.08 -26.10
C THR A 31 -3.25 5.52 -25.02
N GLY A 32 -3.02 6.32 -23.98
CA GLY A 32 -2.17 5.88 -22.89
C GLY A 32 -0.70 5.90 -23.21
N ASP A 33 -0.18 7.08 -23.53
CA ASP A 33 1.24 7.21 -23.86
C ASP A 33 2.04 7.74 -22.67
N GLU A 34 3.07 6.99 -22.29
CA GLU A 34 3.92 7.34 -21.16
C GLU A 34 4.53 8.73 -21.22
N ARG A 35 5.07 9.12 -22.38
CA ARG A 35 5.68 10.44 -22.52
C ARG A 35 4.67 11.57 -22.41
N PHE A 36 3.52 11.41 -23.06
CA PHE A 36 2.50 12.45 -23.04
C PHE A 36 2.05 12.77 -21.62
N TYR A 37 1.76 11.75 -20.83
CA TYR A 37 1.32 11.98 -19.46
C TYR A 37 2.44 12.54 -18.60
N ALA A 38 3.62 11.96 -18.73
CA ALA A 38 4.78 12.39 -17.95
C ALA A 38 5.26 13.79 -18.31
N GLU A 39 5.38 14.07 -19.60
CA GLU A 39 5.88 15.36 -20.06
C GLU A 39 4.84 16.46 -20.24
N HIS A 40 3.60 16.10 -20.57
CA HIS A 40 2.59 17.13 -20.80
C HIS A 40 1.36 17.19 -19.90
N LEU A 41 0.56 16.12 -19.91
CA LEU A 41 -0.66 16.12 -19.12
C LEU A 41 -0.49 16.31 -17.61
N MET A 42 0.20 15.40 -16.95
CA MET A 42 0.42 15.50 -15.50
C MET A 42 0.99 16.84 -15.06
N PRO A 43 2.04 17.33 -15.75
CA PRO A 43 2.64 18.61 -15.40
C PRO A 43 1.64 19.76 -15.49
N THR A 44 0.84 19.76 -16.56
CA THR A 44 -0.16 20.79 -16.76
C THR A 44 -1.24 20.72 -15.69
N LEU A 45 -1.64 19.49 -15.36
CA LEU A 45 -2.65 19.25 -14.35
C LEU A 45 -2.19 19.79 -13.00
N GLN A 46 -0.94 19.53 -12.66
CA GLN A 46 -0.38 19.98 -11.40
C GLN A 46 -0.05 21.47 -11.38
N GLY A 47 0.02 22.07 -12.57
CA GLY A 47 0.30 23.49 -12.65
C GLY A 47 -0.99 24.29 -12.52
N LEU A 48 -2.13 23.61 -12.56
CA LEU A 48 -3.42 24.27 -12.45
C LEU A 48 -4.15 23.91 -11.15
N LEU A 49 -3.83 22.76 -10.59
CA LEU A 49 -4.49 22.29 -9.36
C LEU A 49 -3.51 22.01 -8.23
N ASP A 50 -3.90 22.37 -7.01
CA ASP A 50 -3.05 22.11 -5.86
C ASP A 50 -3.10 20.61 -5.58
N PRO A 51 -2.10 20.08 -4.85
CA PRO A 51 -2.01 18.65 -4.53
C PRO A 51 -3.32 17.95 -4.15
N GLU A 52 -4.01 18.45 -3.13
CA GLU A 52 -5.25 17.83 -2.72
C GLU A 52 -6.36 17.86 -3.77
N SER A 53 -6.53 18.99 -4.45
CA SER A 53 -7.55 19.09 -5.50
C SER A 53 -7.24 18.13 -6.63
N ALA A 54 -5.95 18.01 -6.95
CA ALA A 54 -5.51 17.11 -8.02
C ALA A 54 -5.86 15.68 -7.62
N HIS A 55 -5.61 15.34 -6.37
CA HIS A 55 -5.92 13.99 -5.89
C HIS A 55 -7.41 13.68 -5.98
N ARG A 56 -8.24 14.62 -5.54
CA ARG A 56 -9.68 14.44 -5.56
C ARG A 56 -10.20 14.23 -6.98
N LEU A 57 -9.65 14.98 -7.93
CA LEU A 57 -10.06 14.85 -9.32
C LEU A 57 -9.60 13.48 -9.84
N ALA A 58 -8.42 13.07 -9.39
CA ALA A 58 -7.85 11.77 -9.76
C ALA A 58 -8.80 10.66 -9.36
N VAL A 59 -9.31 10.73 -8.13
CA VAL A 59 -10.22 9.72 -7.64
C VAL A 59 -11.51 9.74 -8.46
N ARG A 60 -12.02 10.93 -8.76
CA ARG A 60 -13.23 11.07 -9.56
C ARG A 60 -13.09 10.41 -10.93
N PHE A 61 -12.04 10.80 -11.66
CA PHE A 61 -11.80 10.26 -12.98
C PHE A 61 -11.65 8.74 -12.98
N THR A 62 -10.91 8.23 -12.00
CA THR A 62 -10.68 6.80 -11.89
C THR A 62 -12.00 6.08 -11.65
N SER A 63 -12.81 6.61 -10.73
CA SER A 63 -14.10 5.98 -10.42
C SER A 63 -14.98 5.94 -11.66
N LEU A 64 -14.84 6.92 -12.54
CA LEU A 64 -15.64 7.00 -13.76
C LEU A 64 -15.01 6.28 -14.95
N GLY A 65 -13.81 5.74 -14.76
CA GLY A 65 -13.14 5.03 -15.84
C GLY A 65 -12.51 5.90 -16.91
N LEU A 66 -12.33 7.19 -16.63
CA LEU A 66 -11.72 8.10 -17.60
C LEU A 66 -10.21 7.84 -17.56
N LEU A 67 -9.81 6.72 -18.12
CA LEU A 67 -8.41 6.31 -18.13
C LEU A 67 -7.90 6.00 -19.53
N PRO A 68 -6.59 6.20 -19.75
CA PRO A 68 -5.93 5.95 -21.04
C PRO A 68 -5.88 4.47 -21.41
N PHE A 72 -1.51 -3.31 -22.34
CA PHE A 72 -0.60 -4.32 -21.81
C PHE A 72 -1.35 -5.49 -21.17
N GLN A 73 -1.12 -6.69 -21.68
CA GLN A 73 -1.75 -7.88 -21.14
C GLN A 73 -0.78 -8.59 -20.20
N ASP A 74 -1.26 -8.92 -19.01
CA ASP A 74 -0.43 -9.60 -18.02
C ASP A 74 -0.12 -11.00 -18.51
N SER A 75 1.13 -11.43 -18.38
CA SER A 75 1.52 -12.77 -18.82
C SER A 75 1.58 -13.67 -17.59
N ASP A 76 1.54 -14.98 -17.83
CA ASP A 76 1.59 -15.94 -16.74
C ASP A 76 2.76 -15.66 -15.80
N MET A 77 3.84 -15.11 -16.35
CA MET A 77 5.04 -14.79 -15.58
C MET A 77 4.77 -13.88 -14.39
N LEU A 78 3.86 -12.91 -14.56
CA LEU A 78 3.56 -11.97 -13.50
C LEU A 78 2.60 -12.51 -12.44
N GLU A 79 2.01 -13.67 -12.69
CA GLU A 79 1.09 -14.25 -11.74
C GLU A 79 1.80 -14.72 -10.48
N VAL A 80 1.19 -14.44 -9.33
CA VAL A 80 1.75 -14.82 -8.05
C VAL A 80 0.63 -15.38 -7.19
N ARG A 81 0.98 -16.32 -6.31
CA ARG A 81 -0.01 -16.90 -5.43
C ARG A 81 0.46 -16.78 -3.98
N VAL A 82 -0.27 -15.98 -3.20
CA VAL A 82 0.04 -15.77 -1.79
C VAL A 82 -1.18 -15.33 -1.03
N LEU A 83 -1.08 -15.34 0.30
CA LEU A 83 -2.18 -14.91 1.16
C LEU A 83 -3.49 -15.63 0.83
N GLY A 84 -3.39 -16.87 0.35
CA GLY A 84 -4.57 -17.64 0.00
C GLY A 84 -5.30 -17.11 -1.22
N HIS A 85 -4.56 -16.43 -2.10
CA HIS A 85 -5.14 -15.87 -3.31
C HIS A 85 -4.19 -15.86 -4.50
N LYS A 86 -4.77 -15.68 -5.68
CA LYS A 86 -4.00 -15.61 -6.90
C LYS A 86 -3.99 -14.15 -7.31
N PHE A 87 -2.83 -13.66 -7.73
CA PHE A 87 -2.69 -12.28 -8.19
C PHE A 87 -2.18 -12.35 -9.63
N ARG A 88 -2.95 -11.84 -10.59
CA ARG A 88 -2.51 -11.89 -11.98
C ARG A 88 -1.22 -11.11 -12.22
N ASN A 89 -0.99 -10.07 -11.43
CA ASN A 89 0.26 -9.31 -11.51
C ASN A 89 0.53 -8.83 -10.09
N PRO A 90 1.81 -8.66 -9.72
CA PRO A 90 2.23 -8.24 -8.39
C PRO A 90 2.26 -6.74 -8.09
N VAL A 91 1.69 -5.94 -8.99
CA VAL A 91 1.70 -4.48 -8.81
C VAL A 91 0.36 -3.95 -8.34
N GLY A 92 0.32 -3.48 -7.10
CA GLY A 92 -0.92 -2.94 -6.57
C GLY A 92 -0.82 -1.47 -6.23
N ILE A 93 -1.96 -0.85 -5.97
CA ILE A 93 -2.00 0.56 -5.60
C ILE A 93 -1.97 0.62 -4.07
N ALA A 94 -0.98 1.30 -3.52
CA ALA A 94 -0.84 1.41 -2.08
C ALA A 94 -2.03 2.12 -1.44
N ALA A 95 -2.16 1.98 -0.12
CA ALA A 95 -3.24 2.62 0.61
C ALA A 95 -3.04 4.13 0.54
N GLY A 96 -4.14 4.87 0.64
CA GLY A 96 -4.02 6.32 0.59
C GLY A 96 -4.62 6.98 -0.64
N PHE A 97 -4.46 6.37 -1.81
CA PHE A 97 -5.02 6.97 -3.01
C PHE A 97 -6.55 6.88 -2.94
N ASP A 98 -7.04 5.69 -2.66
CA ASP A 98 -8.49 5.47 -2.52
C ASP A 98 -8.78 5.16 -1.05
N LYS A 99 -8.80 6.21 -0.23
CA LYS A 99 -9.05 6.06 1.20
C LYS A 99 -10.46 5.58 1.57
N HIS A 100 -11.45 5.95 0.77
CA HIS A 100 -12.83 5.58 1.09
C HIS A 100 -13.47 4.53 0.18
N GLY A 101 -12.65 3.84 -0.61
CA GLY A 101 -13.16 2.82 -1.51
C GLY A 101 -14.12 3.32 -2.57
N GLU A 102 -13.78 4.43 -3.21
CA GLU A 102 -14.63 5.02 -4.24
C GLU A 102 -14.23 4.68 -5.68
N ALA A 103 -13.01 4.19 -5.88
CA ALA A 103 -12.56 3.90 -7.25
C ALA A 103 -11.94 2.52 -7.43
N VAL A 104 -12.32 1.57 -6.60
CA VAL A 104 -11.77 0.22 -6.69
C VAL A 104 -11.75 -0.35 -8.12
N ASP A 105 -12.89 -0.28 -8.80
CA ASP A 105 -12.99 -0.81 -10.15
C ASP A 105 -12.16 -0.06 -11.18
N GLY A 106 -12.11 1.26 -11.05
CA GLY A 106 -11.33 2.05 -11.98
C GLY A 106 -9.85 1.77 -11.81
N LEU A 107 -9.47 1.29 -10.62
CA LEU A 107 -8.07 0.97 -10.34
C LEU A 107 -7.67 -0.36 -10.97
N TYR A 108 -8.55 -1.34 -10.94
CA TYR A 108 -8.24 -2.62 -11.59
C TYR A 108 -8.12 -2.35 -13.09
N LYS A 109 -8.96 -1.44 -13.58
CA LYS A 109 -8.95 -1.08 -14.99
C LYS A 109 -7.65 -0.36 -15.37
N MET A 110 -7.00 0.24 -14.38
CA MET A 110 -5.75 0.96 -14.61
C MET A 110 -4.60 -0.02 -14.80
N GLY A 111 -4.83 -1.29 -14.46
CA GLY A 111 -3.80 -2.29 -14.63
C GLY A 111 -3.26 -2.91 -13.36
N PHE A 112 -3.71 -2.44 -12.20
CA PHE A 112 -3.23 -2.99 -10.94
C PHE A 112 -3.67 -4.43 -10.70
N GLY A 113 -2.74 -5.25 -10.21
CA GLY A 113 -3.01 -6.64 -9.94
C GLY A 113 -3.87 -6.82 -8.69
N PHE A 114 -3.89 -5.80 -7.86
CA PHE A 114 -4.70 -5.84 -6.64
C PHE A 114 -4.85 -4.43 -6.10
N VAL A 115 -5.95 -4.19 -5.39
CA VAL A 115 -6.25 -2.88 -4.84
C VAL A 115 -6.37 -2.90 -3.33
N GLU A 116 -5.90 -1.83 -2.70
CA GLU A 116 -5.99 -1.69 -1.26
C GLU A 116 -6.57 -0.32 -0.94
N ILE A 117 -7.66 -0.29 -0.17
CA ILE A 117 -8.28 0.97 0.19
C ILE A 117 -7.97 1.29 1.64
N GLY A 118 -8.20 2.54 2.03
CA GLY A 118 -7.93 2.94 3.40
C GLY A 118 -6.80 3.94 3.41
N SER A 119 -6.33 4.32 4.59
CA SER A 119 -6.87 3.80 5.85
C SER A 119 -8.28 4.26 6.17
N VAL A 120 -9.03 3.38 6.84
CA VAL A 120 -10.40 3.66 7.25
C VAL A 120 -10.45 3.67 8.77
N THR A 121 -11.08 4.69 9.35
CA THR A 121 -11.21 4.80 10.80
C THR A 121 -12.64 4.39 11.17
N PRO A 122 -12.86 3.94 12.42
CA PRO A 122 -14.20 3.53 12.84
C PRO A 122 -15.27 4.60 12.61
N LYS A 123 -15.04 5.79 13.15
CA LYS A 123 -15.97 6.90 12.98
C LYS A 123 -15.38 7.82 11.93
N PRO A 124 -16.23 8.63 11.28
CA PRO A 124 -15.72 9.55 10.28
C PRO A 124 -14.89 10.63 10.97
N GLN A 125 -13.94 11.21 10.26
CA GLN A 125 -13.13 12.30 10.81
C GLN A 125 -12.50 13.06 9.66
N GLU A 126 -12.36 14.37 9.83
CA GLU A 126 -11.83 15.22 8.77
C GLU A 126 -10.32 15.20 8.54
N GLY A 127 -9.56 14.80 9.56
CA GLY A 127 -8.12 14.78 9.39
C GLY A 127 -7.55 16.17 9.67
N ASN A 128 -6.27 16.37 9.39
CA ASN A 128 -5.65 17.66 9.63
C ASN A 128 -6.12 18.74 8.66
N PRO A 129 -5.95 20.01 9.05
CA PRO A 129 -6.36 21.15 8.22
C PRO A 129 -5.47 21.32 7.00
N ARG A 130 -6.03 21.86 5.91
CA ARG A 130 -5.29 22.09 4.68
C ARG A 130 -4.40 23.34 4.81
N PRO A 131 -3.26 23.37 4.11
CA PRO A 131 -2.76 22.31 3.23
C PRO A 131 -2.13 21.18 4.04
N ARG A 132 -2.23 19.96 3.54
CA ARG A 132 -1.69 18.81 4.23
C ARG A 132 -0.97 17.82 3.31
N VAL A 133 -0.78 18.23 2.06
CA VAL A 133 -0.08 17.40 1.08
C VAL A 133 0.85 18.34 0.32
N PHE A 134 2.06 17.90 0.03
CA PHE A 134 3.00 18.76 -0.67
C PHE A 134 3.85 18.01 -1.69
N ARG A 135 4.07 18.65 -2.83
CA ARG A 135 4.86 18.06 -3.90
C ARG A 135 6.32 18.53 -3.77
N LEU A 136 7.25 17.64 -4.07
CA LEU A 136 8.69 17.93 -4.08
C LEU A 136 9.12 17.37 -5.44
N PRO A 137 8.73 18.05 -6.52
CA PRO A 137 9.06 17.62 -7.88
C PRO A 137 10.55 17.41 -8.18
N GLU A 138 11.42 18.20 -7.57
CA GLU A 138 12.85 18.04 -7.80
C GLU A 138 13.35 16.73 -7.20
N ASP A 139 12.59 16.14 -6.28
CA ASP A 139 12.98 14.91 -5.62
C ASP A 139 12.09 13.75 -6.03
N GLN A 140 11.10 14.03 -6.89
CA GLN A 140 10.15 13.01 -7.29
C GLN A 140 9.59 12.41 -6.02
N ALA A 141 9.27 13.30 -5.07
CA ALA A 141 8.72 12.91 -3.79
C ALA A 141 7.48 13.71 -3.40
N VAL A 142 6.83 13.25 -2.33
CA VAL A 142 5.65 13.90 -1.80
C VAL A 142 5.74 13.81 -0.28
N ILE A 143 5.15 14.80 0.40
CA ILE A 143 5.11 14.80 1.85
C ILE A 143 3.66 15.03 2.18
N ASN A 144 3.11 14.24 3.09
CA ASN A 144 1.70 14.40 3.45
C ASN A 144 1.46 14.23 4.94
N ARG A 145 0.46 14.95 5.44
CA ARG A 145 0.08 14.84 6.85
C ARG A 145 -1.44 14.91 6.94
N TYR A 146 -2.11 14.07 6.14
CA TYR A 146 -3.56 14.02 6.12
C TYR A 146 -4.18 13.82 7.49
N GLY A 147 -3.63 12.90 8.26
CA GLY A 147 -4.14 12.61 9.59
C GLY A 147 -5.35 11.68 9.59
N PHE A 148 -5.36 10.72 8.66
CA PHE A 148 -6.47 9.77 8.59
C PHE A 148 -7.83 10.40 8.31
N ASN A 149 -7.94 11.21 7.27
CA ASN A 149 -9.23 11.77 6.93
C ASN A 149 -10.00 10.54 6.42
N SER A 150 -11.18 10.29 6.98
CA SER A 150 -11.92 9.11 6.59
C SER A 150 -13.44 9.21 6.71
N HIS A 151 -14.13 8.57 5.76
CA HIS A 151 -15.60 8.55 5.74
C HIS A 151 -16.14 7.63 6.85
N GLY A 152 -15.26 6.78 7.40
CA GLY A 152 -15.67 5.89 8.45
C GLY A 152 -16.07 4.50 7.96
N LEU A 153 -16.13 3.56 8.88
CA LEU A 153 -16.48 2.17 8.57
C LEU A 153 -17.83 1.98 7.88
N SER A 154 -18.89 2.55 8.45
CA SER A 154 -20.24 2.41 7.88
C SER A 154 -20.31 2.79 6.41
N VAL A 155 -19.92 4.03 6.09
CA VAL A 155 -19.98 4.47 4.71
C VAL A 155 -19.20 3.56 3.77
N VAL A 156 -17.99 3.19 4.15
CA VAL A 156 -17.18 2.33 3.30
C VAL A 156 -17.79 0.93 3.23
N GLU A 157 -18.37 0.49 4.34
CA GLU A 157 -19.01 -0.82 4.42
C GLU A 157 -20.10 -0.94 3.36
N HIS A 158 -21.00 0.03 3.31
CA HIS A 158 -22.09 0.01 2.35
C HIS A 158 -21.59 0.21 0.92
N ARG A 159 -20.52 0.96 0.78
CA ARG A 159 -19.93 1.23 -0.53
C ARG A 159 -19.31 -0.06 -1.09
N LEU A 160 -18.74 -0.89 -0.23
CA LEU A 160 -18.15 -2.15 -0.68
C LEU A 160 -19.23 -3.22 -0.86
N ARG A 161 -20.27 -3.15 -0.04
CA ARG A 161 -21.37 -4.12 -0.13
C ARG A 161 -22.11 -3.98 -1.45
N ALA A 162 -22.17 -2.76 -1.98
CA ALA A 162 -22.86 -2.50 -3.24
C ALA A 162 -22.18 -3.20 -4.41
N ARG A 163 -20.97 -3.69 -4.20
CA ARG A 163 -20.22 -4.38 -5.25
C ARG A 163 -19.55 -5.64 -4.71
N GLN A 164 -20.03 -6.12 -3.57
CA GLN A 164 -19.46 -7.31 -2.93
C GLN A 164 -19.36 -8.52 -3.85
N GLN A 165 -20.40 -8.76 -4.64
CA GLN A 165 -20.41 -9.92 -5.54
C GLN A 165 -19.49 -9.74 -6.73
N LYS A 166 -19.42 -8.51 -7.24
CA LYS A 166 -18.54 -8.23 -8.35
C LYS A 166 -17.10 -8.50 -7.89
N GLN A 167 -16.77 -8.02 -6.69
CA GLN A 167 -15.43 -8.21 -6.14
C GLN A 167 -15.12 -9.70 -5.98
N ALA A 168 -16.13 -10.47 -5.57
CA ALA A 168 -15.94 -11.91 -5.40
C ALA A 168 -15.44 -12.53 -6.70
N LYS A 169 -16.00 -12.11 -7.83
CA LYS A 169 -15.58 -12.63 -9.12
C LYS A 169 -14.21 -12.10 -9.50
N LEU A 170 -13.94 -10.84 -9.19
CA LEU A 170 -12.64 -10.25 -9.49
C LEU A 170 -11.54 -11.00 -8.74
N THR A 171 -11.78 -11.27 -7.46
CA THR A 171 -10.82 -11.99 -6.64
C THR A 171 -10.57 -13.39 -7.22
N GLU A 172 -11.64 -14.09 -7.57
CA GLU A 172 -11.52 -15.43 -8.15
C GLU A 172 -10.73 -15.32 -9.45
N ASP A 173 -10.80 -14.15 -10.08
CA ASP A 173 -10.11 -13.89 -11.33
C ASP A 173 -8.66 -13.42 -11.14
N GLY A 174 -8.17 -13.44 -9.90
CA GLY A 174 -6.81 -13.03 -9.64
C GLY A 174 -6.63 -11.54 -9.34
N LEU A 175 -7.70 -10.87 -8.93
CA LEU A 175 -7.66 -9.45 -8.61
C LEU A 175 -8.20 -9.17 -7.21
N PRO A 176 -7.42 -9.52 -6.17
CA PRO A 176 -7.75 -9.36 -4.75
C PRO A 176 -7.95 -7.92 -4.25
N LEU A 177 -8.66 -7.81 -3.14
CA LEU A 177 -8.95 -6.53 -2.52
C LEU A 177 -8.46 -6.53 -1.07
N GLY A 178 -7.71 -5.50 -0.69
CA GLY A 178 -7.22 -5.41 0.66
C GLY A 178 -7.85 -4.16 1.28
N VAL A 179 -8.05 -4.19 2.59
CA VAL A 179 -8.61 -3.05 3.31
C VAL A 179 -7.67 -2.63 4.43
N ASN A 180 -7.26 -1.38 4.43
CA ASN A 180 -6.34 -0.85 5.41
C ASN A 180 -7.11 -0.18 6.56
N LEU A 181 -6.82 -0.62 7.79
CA LEU A 181 -7.50 -0.11 8.98
C LEU A 181 -6.67 0.87 9.80
N GLY A 182 -7.31 1.96 10.21
CA GLY A 182 -6.64 2.96 11.03
C GLY A 182 -7.46 3.16 12.28
N LYS A 183 -7.14 4.17 13.07
CA LYS A 183 -7.89 4.42 14.29
C LYS A 183 -8.19 5.90 14.44
N ASN A 184 -9.29 6.21 15.11
CA ASN A 184 -9.70 7.59 15.31
C ASN A 184 -8.74 8.38 16.20
N LYS A 185 -8.63 9.67 15.90
CA LYS A 185 -7.77 10.58 16.65
C LYS A 185 -8.13 10.65 18.14
N THR A 186 -9.42 10.74 18.45
CA THR A 186 -9.86 10.83 19.84
C THR A 186 -10.18 9.48 20.49
N SER A 187 -9.82 8.40 19.80
CA SER A 187 -10.07 7.07 20.33
C SER A 187 -9.28 6.86 21.63
N VAL A 188 -9.86 6.09 22.54
CA VAL A 188 -9.21 5.81 23.82
C VAL A 188 -8.61 4.40 23.84
N ASP A 189 -9.27 3.49 23.14
CA ASP A 189 -8.82 2.10 23.06
C ASP A 189 -8.40 1.76 21.63
N ALA A 190 -7.13 1.96 21.33
CA ALA A 190 -6.60 1.69 19.99
C ALA A 190 -6.96 0.30 19.50
N ALA A 191 -6.82 -0.69 20.37
CA ALA A 191 -7.13 -2.08 20.02
C ALA A 191 -8.58 -2.25 19.59
N GLU A 192 -9.50 -1.63 20.31
CA GLU A 192 -10.92 -1.74 19.98
C GLU A 192 -11.23 -1.15 18.60
N ASP A 193 -10.55 -0.04 18.27
CA ASP A 193 -10.73 0.60 16.98
C ASP A 193 -10.43 -0.38 15.84
N TYR A 194 -9.30 -1.08 15.93
CA TYR A 194 -8.93 -2.05 14.91
C TYR A 194 -9.87 -3.24 14.96
N ALA A 195 -10.26 -3.63 16.18
CA ALA A 195 -11.17 -4.76 16.35
C ALA A 195 -12.48 -4.48 15.60
N GLU A 196 -12.96 -3.25 15.71
CA GLU A 196 -14.19 -2.85 15.04
C GLU A 196 -14.02 -2.91 13.53
N GLY A 197 -12.87 -2.45 13.05
CA GLY A 197 -12.60 -2.47 11.62
C GLY A 197 -12.60 -3.90 11.10
N VAL A 198 -12.02 -4.80 11.86
CA VAL A 198 -11.97 -6.21 11.49
C VAL A 198 -13.37 -6.78 11.35
N ARG A 199 -14.24 -6.42 12.29
CA ARG A 199 -15.61 -6.92 12.28
C ARG A 199 -16.49 -6.35 11.17
N VAL A 200 -16.32 -5.06 10.87
CA VAL A 200 -17.13 -4.42 9.85
C VAL A 200 -16.64 -4.59 8.42
N LEU A 201 -15.33 -4.47 8.19
CA LEU A 201 -14.79 -4.59 6.85
C LEU A 201 -14.08 -5.90 6.54
N GLY A 202 -13.67 -6.62 7.57
CA GLY A 202 -12.99 -7.89 7.35
C GLY A 202 -13.79 -8.86 6.48
N PRO A 203 -15.12 -8.88 6.60
CA PRO A 203 -15.95 -9.79 5.80
C PRO A 203 -16.01 -9.41 4.31
N LEU A 204 -15.53 -8.21 3.99
CA LEU A 204 -15.55 -7.72 2.62
C LEU A 204 -14.16 -7.63 1.96
N ALA A 205 -13.14 -8.10 2.65
CA ALA A 205 -11.78 -8.02 2.13
C ALA A 205 -11.05 -9.35 2.00
N ASP A 206 -10.12 -9.39 1.06
CA ASP A 206 -9.32 -10.59 0.89
C ASP A 206 -8.23 -10.55 1.95
N TYR A 207 -7.78 -9.35 2.29
CA TYR A 207 -6.80 -9.18 3.34
C TYR A 207 -7.00 -7.84 4.04
N LEU A 208 -6.74 -7.82 5.34
CA LEU A 208 -6.88 -6.62 6.15
C LEU A 208 -5.48 -6.15 6.54
N VAL A 209 -5.34 -4.84 6.67
CA VAL A 209 -4.06 -4.27 7.05
C VAL A 209 -4.15 -3.48 8.34
N VAL A 210 -3.41 -3.91 9.35
CA VAL A 210 -3.40 -3.17 10.62
C VAL A 210 -2.34 -2.09 10.41
N ASN A 211 -2.79 -0.88 10.11
CA ASN A 211 -1.86 0.22 9.90
C ASN A 211 -1.44 0.82 11.23
N VAL A 212 -0.20 0.56 11.61
CA VAL A 212 0.31 1.07 12.86
C VAL A 212 1.60 1.85 12.62
N SER A 213 1.80 2.28 11.38
CA SER A 213 2.99 3.00 10.99
C SER A 213 2.74 4.40 10.43
N SER A 214 1.52 4.91 10.60
CA SER A 214 1.25 6.26 10.12
C SER A 214 1.98 7.25 11.01
N PRO A 215 2.72 8.18 10.39
CA PRO A 215 3.48 9.19 11.14
C PRO A 215 2.63 10.41 11.48
N ASN A 216 1.40 10.44 10.98
CA ASN A 216 0.52 11.58 11.17
C ASN A 216 -0.57 11.46 12.23
N THR A 217 -0.43 10.47 13.11
CA THR A 217 -1.38 10.27 14.20
C THR A 217 -0.56 10.06 15.47
N ALA A 218 -0.73 10.97 16.43
CA ALA A 218 0.00 10.92 17.69
C ALA A 218 -0.03 9.58 18.41
N GLY A 219 1.15 9.07 18.70
CA GLY A 219 1.29 7.81 19.42
C GLY A 219 0.93 6.52 18.70
N LEU A 220 0.57 6.60 17.42
CA LEU A 220 0.20 5.40 16.67
C LEU A 220 1.37 4.44 16.45
N ARG A 221 2.52 4.98 16.07
CA ARG A 221 3.70 4.18 15.82
C ARG A 221 4.23 3.45 17.06
N SER A 222 3.88 3.95 18.24
CA SER A 222 4.34 3.31 19.48
C SER A 222 3.68 1.94 19.60
N LEU A 223 2.60 1.75 18.84
CA LEU A 223 1.90 0.47 18.85
C LEU A 223 2.73 -0.60 18.14
N GLN A 224 3.85 -0.17 17.54
CA GLN A 224 4.73 -1.12 16.86
C GLN A 224 5.63 -1.78 17.90
N GLY A 225 5.58 -1.27 19.14
CA GLY A 225 6.37 -1.83 20.21
C GLY A 225 5.96 -3.28 20.48
N LYS A 226 6.90 -4.10 20.94
CA LYS A 226 6.64 -5.51 21.20
C LYS A 226 5.42 -5.84 22.06
N ALA A 227 5.38 -5.30 23.28
CA ALA A 227 4.27 -5.57 24.18
C ALA A 227 2.94 -5.05 23.63
N GLU A 228 2.95 -3.79 23.20
CA GLU A 228 1.75 -3.15 22.65
C GLU A 228 1.28 -3.89 21.39
N LEU A 229 2.22 -4.22 20.52
CA LEU A 229 1.90 -4.92 19.28
C LEU A 229 1.31 -6.30 19.52
N ARG A 230 1.86 -7.03 20.48
CA ARG A 230 1.36 -8.37 20.78
C ARG A 230 -0.08 -8.36 21.27
N ARG A 231 -0.40 -7.45 22.18
CA ARG A 231 -1.76 -7.35 22.72
C ARG A 231 -2.72 -6.91 21.62
N LEU A 232 -2.28 -5.98 20.78
CA LEU A 232 -3.10 -5.48 19.70
C LEU A 232 -3.41 -6.57 18.67
N LEU A 233 -2.38 -7.26 18.19
CA LEU A 233 -2.55 -8.31 17.19
C LEU A 233 -3.26 -9.56 17.69
N THR A 234 -3.13 -9.85 18.98
CA THR A 234 -3.82 -11.00 19.54
C THR A 234 -5.33 -10.78 19.45
N LYS A 235 -5.76 -9.57 19.79
CA LYS A 235 -7.17 -9.22 19.75
C LYS A 235 -7.67 -9.15 18.30
N VAL A 236 -6.87 -8.56 17.42
CA VAL A 236 -7.23 -8.44 16.02
C VAL A 236 -7.44 -9.81 15.39
N LEU A 237 -6.48 -10.71 15.60
CA LEU A 237 -6.54 -12.06 15.06
C LEU A 237 -7.71 -12.86 15.63
N GLN A 238 -8.05 -12.62 16.89
CA GLN A 238 -9.17 -13.33 17.50
C GLN A 238 -10.48 -12.91 16.82
N GLU A 239 -10.65 -11.61 16.61
CA GLU A 239 -11.85 -11.10 15.95
C GLU A 239 -11.91 -11.68 14.54
N ARG A 240 -10.76 -11.77 13.89
CA ARG A 240 -10.67 -12.30 12.54
C ARG A 240 -11.07 -13.76 12.48
N ASP A 241 -10.57 -14.57 13.42
CA ASP A 241 -10.89 -16.00 13.45
C ASP A 241 -12.37 -16.25 13.74
N GLY A 242 -13.04 -15.27 14.34
CA GLY A 242 -14.44 -15.42 14.66
C GLY A 242 -15.37 -15.19 13.47
N LEU A 243 -14.80 -14.83 12.32
CA LEU A 243 -15.61 -14.59 11.13
C LEU A 243 -15.82 -15.89 10.37
N ARG A 244 -16.93 -15.98 9.64
CA ARG A 244 -17.22 -17.17 8.86
C ARG A 244 -16.16 -17.37 7.78
N ARG A 245 -15.82 -18.65 7.54
CA ARG A 245 -14.80 -19.06 6.57
C ARG A 245 -14.63 -18.24 5.29
N VAL A 246 -15.70 -18.12 4.50
CA VAL A 246 -15.59 -17.38 3.24
C VAL A 246 -15.39 -15.88 3.44
N HIS A 247 -15.62 -15.39 4.66
CA HIS A 247 -15.47 -13.98 4.97
C HIS A 247 -14.29 -13.73 5.92
N ARG A 248 -13.36 -14.68 5.96
CA ARG A 248 -12.19 -14.59 6.83
C ARG A 248 -10.94 -14.14 6.07
N PRO A 249 -10.54 -12.87 6.26
CA PRO A 249 -9.37 -12.30 5.58
C PRO A 249 -8.01 -12.60 6.22
N ALA A 250 -6.96 -12.44 5.42
CA ALA A 250 -5.60 -12.63 5.91
C ALA A 250 -5.32 -11.32 6.65
N VAL A 251 -4.47 -11.37 7.66
CA VAL A 251 -4.14 -10.17 8.41
C VAL A 251 -2.66 -9.82 8.28
N LEU A 252 -2.40 -8.62 7.76
CA LEU A 252 -1.03 -8.14 7.60
C LEU A 252 -0.85 -6.92 8.49
N VAL A 253 0.40 -6.57 8.77
CA VAL A 253 0.74 -5.41 9.59
C VAL A 253 1.62 -4.49 8.75
N LYS A 254 1.26 -3.21 8.68
CA LYS A 254 2.05 -2.26 7.91
C LYS A 254 2.98 -1.50 8.85
N ILE A 255 4.28 -1.62 8.59
CA ILE A 255 5.26 -0.98 9.44
C ILE A 255 5.98 0.19 8.80
N ALA A 256 6.64 0.99 9.64
CA ALA A 256 7.37 2.16 9.19
C ALA A 256 8.77 1.79 8.72
N PRO A 257 9.45 2.74 8.06
CA PRO A 257 10.81 2.57 7.54
C PRO A 257 11.82 3.21 8.51
N ASP A 258 11.31 3.70 9.63
CA ASP A 258 12.15 4.36 10.63
C ASP A 258 12.33 3.55 11.91
N LEU A 259 12.15 2.24 11.81
CA LEU A 259 12.28 1.37 12.97
C LEU A 259 13.74 1.08 13.30
N THR A 260 14.03 0.94 14.59
CA THR A 260 15.38 0.62 15.03
C THR A 260 15.56 -0.88 14.78
N SER A 261 16.79 -1.37 14.87
CA SER A 261 17.02 -2.80 14.65
C SER A 261 16.26 -3.61 15.72
N GLN A 262 16.07 -3.00 16.89
CA GLN A 262 15.36 -3.66 17.98
C GLN A 262 13.87 -3.84 17.66
N ASP A 263 13.25 -2.78 17.14
CA ASP A 263 11.83 -2.84 16.80
C ASP A 263 11.57 -3.92 15.76
N LYS A 264 12.44 -4.00 14.77
CA LYS A 264 12.29 -4.98 13.71
C LYS A 264 12.39 -6.40 14.26
N GLU A 265 13.35 -6.64 15.15
CA GLU A 265 13.52 -7.95 15.76
C GLU A 265 12.24 -8.32 16.52
N ASP A 266 11.71 -7.36 17.29
CA ASP A 266 10.50 -7.59 18.07
C ASP A 266 9.31 -7.87 17.16
N ILE A 267 9.13 -7.05 16.12
CA ILE A 267 8.02 -7.25 15.21
C ILE A 267 8.11 -8.62 14.56
N ALA A 268 9.31 -9.03 14.17
CA ALA A 268 9.49 -10.33 13.54
C ALA A 268 9.14 -11.44 14.51
N SER A 269 9.49 -11.25 15.78
CA SER A 269 9.21 -12.22 16.82
C SER A 269 7.71 -12.34 17.07
N VAL A 270 7.03 -11.22 17.24
CA VAL A 270 5.59 -11.23 17.49
C VAL A 270 4.84 -11.83 16.30
N VAL A 271 5.26 -11.45 15.09
CA VAL A 271 4.63 -11.94 13.87
C VAL A 271 4.64 -13.46 13.80
N LYS A 272 5.77 -14.06 14.13
CA LYS A 272 5.89 -15.52 14.08
C LYS A 272 5.23 -16.20 15.27
N GLU A 273 5.18 -15.51 16.40
CA GLU A 273 4.55 -16.04 17.60
C GLU A 273 3.04 -16.15 17.41
N LEU A 274 2.43 -15.10 16.83
CA LEU A 274 0.98 -15.05 16.65
C LEU A 274 0.46 -15.60 15.33
N GLY A 275 1.34 -15.85 14.37
CA GLY A 275 0.90 -16.36 13.09
C GLY A 275 0.39 -15.28 12.15
N ILE A 276 0.91 -14.06 12.28
CA ILE A 276 0.50 -12.97 11.39
C ILE A 276 0.71 -13.46 9.96
N ASP A 277 -0.27 -13.19 9.10
CA ASP A 277 -0.22 -13.65 7.72
C ASP A 277 0.79 -12.95 6.80
N GLY A 278 1.16 -11.72 7.13
CA GLY A 278 2.11 -11.02 6.28
C GLY A 278 2.44 -9.62 6.73
N LEU A 279 3.38 -8.99 6.02
CA LEU A 279 3.82 -7.65 6.35
C LEU A 279 3.80 -6.73 5.15
N ILE A 280 3.47 -5.46 5.38
CA ILE A 280 3.51 -4.47 4.33
C ILE A 280 4.66 -3.56 4.75
N VAL A 281 5.67 -3.48 3.90
CA VAL A 281 6.89 -2.72 4.18
C VAL A 281 7.23 -1.83 2.98
N THR A 282 7.22 -0.50 3.13
CA THR A 282 6.93 0.22 4.37
C THR A 282 5.96 1.38 4.14
N ASN A 283 5.73 2.16 5.21
CA ASN A 283 4.87 3.33 5.15
C ASN A 283 5.80 4.49 4.79
N THR A 284 5.34 5.73 4.97
CA THR A 284 6.18 6.89 4.67
C THR A 284 7.18 7.11 5.80
N THR A 285 8.27 7.84 5.50
CA THR A 285 9.32 8.12 6.47
C THR A 285 9.24 9.53 7.05
N VAL A 286 9.52 9.66 8.35
CA VAL A 286 9.53 10.97 9.01
C VAL A 286 10.97 11.50 8.93
N SER A 287 11.85 10.72 8.32
CA SER A 287 13.23 11.15 8.16
C SER A 287 13.27 12.06 6.95
N ARG A 288 14.36 12.81 6.81
CA ARG A 288 14.54 13.71 5.68
C ARG A 288 15.96 13.50 5.18
N PRO A 289 16.16 12.48 4.34
CA PRO A 289 17.46 12.14 3.76
C PRO A 289 18.19 13.38 3.26
N ALA A 290 19.49 13.44 3.52
CA ALA A 290 20.29 14.57 3.04
C ALA A 290 20.19 14.56 1.52
N GLY A 291 20.09 15.73 0.90
CA GLY A 291 20.00 15.78 -0.54
C GLY A 291 18.68 16.29 -1.09
N LEU A 292 17.62 16.22 -0.29
CA LEU A 292 16.31 16.72 -0.74
C LEU A 292 16.48 18.14 -1.25
N GLN A 293 15.87 18.43 -2.40
CA GLN A 293 15.96 19.75 -3.01
C GLN A 293 14.66 20.54 -2.91
N GLY A 294 13.53 19.83 -2.85
CA GLY A 294 12.24 20.47 -2.77
C GLY A 294 12.19 21.62 -1.79
N ALA A 295 11.52 22.70 -2.18
CA ALA A 295 11.39 23.87 -1.32
C ALA A 295 10.60 23.53 -0.05
N LEU A 296 9.70 22.56 -0.17
CA LEU A 296 8.83 22.14 0.94
C LEU A 296 9.34 20.93 1.72
N ARG A 297 10.64 20.66 1.61
CA ARG A 297 11.26 19.52 2.26
C ARG A 297 11.15 19.51 3.80
N SER A 298 10.96 20.67 4.39
CA SER A 298 10.87 20.76 5.84
C SER A 298 9.45 20.80 6.40
N GLU A 299 8.47 20.46 5.57
CA GLU A 299 7.08 20.41 6.01
C GLU A 299 6.94 19.15 6.87
N THR A 300 6.08 19.23 7.88
CA THR A 300 5.83 18.09 8.75
C THR A 300 5.03 17.04 7.98
N GLY A 301 5.32 15.77 8.22
CA GLY A 301 4.58 14.72 7.53
C GLY A 301 5.44 13.55 7.09
N GLY A 302 4.81 12.60 6.42
CA GLY A 302 5.52 11.43 5.93
C GLY A 302 6.00 11.65 4.52
N LEU A 303 7.26 11.29 4.27
CA LEU A 303 7.88 11.45 2.96
C LEU A 303 7.76 10.17 2.14
N SER A 304 7.41 10.33 0.87
CA SER A 304 7.26 9.19 -0.02
C SER A 304 7.96 9.48 -1.35
N GLY A 305 8.04 8.47 -2.22
CA GLY A 305 8.68 8.67 -3.50
C GLY A 305 10.11 8.13 -3.55
N LYS A 306 10.86 8.59 -4.55
CA LYS A 306 12.24 8.12 -4.73
C LYS A 306 13.14 8.19 -3.49
N PRO A 307 13.09 9.29 -2.72
CA PRO A 307 13.94 9.39 -1.53
C PRO A 307 13.71 8.26 -0.53
N LEU A 308 12.52 7.65 -0.59
CA LEU A 308 12.16 6.56 0.31
C LEU A 308 12.48 5.16 -0.22
N ARG A 309 12.58 5.04 -1.54
CA ARG A 309 12.80 3.74 -2.18
C ARG A 309 13.75 2.75 -1.51
N ASP A 310 15.05 3.05 -1.50
CA ASP A 310 16.03 2.15 -0.94
C ASP A 310 15.92 1.91 0.57
N LEU A 311 15.54 2.93 1.32
CA LEU A 311 15.36 2.78 2.76
C LEU A 311 14.28 1.72 2.93
N SER A 312 13.31 1.74 2.02
CA SER A 312 12.20 0.80 2.04
C SER A 312 12.64 -0.61 1.63
N THR A 313 13.47 -0.69 0.59
CA THR A 313 13.95 -1.98 0.10
C THR A 313 14.80 -2.67 1.18
N GLN A 314 15.62 -1.88 1.88
CA GLN A 314 16.46 -2.45 2.93
C GLN A 314 15.62 -2.96 4.10
N THR A 315 14.49 -2.32 4.38
CA THR A 315 13.63 -2.77 5.48
C THR A 315 13.00 -4.11 5.08
N ILE A 316 12.69 -4.25 3.80
CA ILE A 316 12.12 -5.48 3.27
C ILE A 316 13.15 -6.60 3.38
N ARG A 317 14.38 -6.27 2.99
CA ARG A 317 15.49 -7.23 3.02
C ARG A 317 15.68 -7.76 4.45
N GLU A 318 15.67 -6.84 5.41
CA GLU A 318 15.84 -7.19 6.80
C GLU A 318 14.67 -8.01 7.38
N MET A 319 13.44 -7.57 7.15
CA MET A 319 12.29 -8.31 7.68
C MET A 319 12.18 -9.71 7.07
N TYR A 320 12.56 -9.84 5.80
CA TYR A 320 12.51 -11.12 5.11
C TYR A 320 13.43 -12.13 5.82
N ALA A 321 14.64 -11.68 6.14
CA ALA A 321 15.62 -12.52 6.82
C ALA A 321 15.21 -12.84 8.26
N LEU A 322 14.65 -11.85 8.96
CA LEU A 322 14.21 -12.06 10.34
C LEU A 322 13.05 -13.06 10.42
N THR A 323 12.28 -13.18 9.34
CA THR A 323 11.15 -14.11 9.32
C THR A 323 11.47 -15.38 8.51
N GLN A 324 12.74 -15.60 8.23
CA GLN A 324 13.18 -16.78 7.48
C GLN A 324 12.46 -16.94 6.16
N GLY A 325 12.03 -15.84 5.57
CA GLY A 325 11.32 -15.89 4.30
C GLY A 325 10.02 -16.68 4.34
N ARG A 326 9.46 -16.87 5.53
CA ARG A 326 8.22 -17.62 5.68
C ARG A 326 6.98 -16.73 5.83
N VAL A 327 7.22 -15.43 5.92
CA VAL A 327 6.12 -14.48 6.06
C VAL A 327 6.02 -13.60 4.82
N PRO A 328 4.91 -13.72 4.08
CA PRO A 328 4.68 -12.94 2.86
C PRO A 328 4.85 -11.44 3.10
N ILE A 329 5.58 -10.79 2.21
CA ILE A 329 5.80 -9.36 2.33
C ILE A 329 5.34 -8.60 1.08
N ILE A 330 4.68 -7.47 1.31
CA ILE A 330 4.24 -6.60 0.21
C ILE A 330 5.17 -5.40 0.29
N GLY A 331 6.03 -5.23 -0.72
CA GLY A 331 6.96 -4.13 -0.74
C GLY A 331 6.38 -2.85 -1.29
N VAL A 332 6.57 -1.76 -0.55
CA VAL A 332 6.04 -0.44 -0.94
C VAL A 332 7.07 0.64 -0.59
N GLY A 333 7.22 1.64 -1.45
CA GLY A 333 8.16 2.71 -1.18
C GLY A 333 9.04 3.11 -2.35
N GLY A 334 8.63 4.14 -3.07
CA GLY A 334 9.41 4.63 -4.19
C GLY A 334 9.51 3.73 -5.42
N VAL A 335 8.50 2.89 -5.64
CA VAL A 335 8.53 2.03 -6.82
C VAL A 335 7.99 2.81 -8.02
N SER A 336 8.84 2.99 -9.02
CA SER A 336 8.44 3.76 -10.20
C SER A 336 8.85 3.08 -11.51
N SER A 337 9.47 1.90 -11.41
CA SER A 337 9.93 1.19 -12.59
C SER A 337 10.02 -0.31 -12.35
N GLY A 338 10.26 -1.06 -13.43
CA GLY A 338 10.39 -2.50 -13.30
C GLY A 338 11.55 -2.83 -12.39
N GLN A 339 12.66 -2.09 -12.54
CA GLN A 339 13.84 -2.32 -11.71
C GLN A 339 13.51 -2.10 -10.24
N ASP A 340 12.82 -1.01 -9.94
CA ASP A 340 12.45 -0.71 -8.56
C ASP A 340 11.61 -1.86 -8.00
N ALA A 341 10.69 -2.36 -8.82
CA ALA A 341 9.83 -3.46 -8.40
C ALA A 341 10.62 -4.74 -8.17
N LEU A 342 11.53 -5.06 -9.10
CA LEU A 342 12.32 -6.28 -9.00
C LEU A 342 13.34 -6.25 -7.85
N GLU A 343 13.90 -5.09 -7.54
CA GLU A 343 14.85 -5.02 -6.43
C GLU A 343 14.13 -5.40 -5.15
N LYS A 344 12.90 -4.93 -5.00
CA LYS A 344 12.11 -5.24 -3.80
C LYS A 344 11.70 -6.71 -3.79
N ILE A 345 11.38 -7.26 -4.96
CA ILE A 345 11.02 -8.68 -5.03
C ILE A 345 12.24 -9.52 -4.68
N ARG A 346 13.40 -9.19 -5.26
CA ARG A 346 14.62 -9.95 -4.95
C ARG A 346 14.98 -9.79 -3.47
N ALA A 347 14.65 -8.65 -2.89
CA ALA A 347 14.94 -8.41 -1.48
C ALA A 347 14.00 -9.22 -0.59
N GLY A 348 12.90 -9.73 -1.15
CA GLY A 348 11.99 -10.54 -0.36
C GLY A 348 10.49 -10.29 -0.50
N ALA A 349 10.11 -9.29 -1.27
CA ALA A 349 8.69 -8.98 -1.45
C ALA A 349 8.01 -9.92 -2.43
N SER A 350 6.82 -10.40 -2.06
CA SER A 350 6.05 -11.28 -2.93
C SER A 350 5.20 -10.42 -3.85
N LEU A 351 4.90 -9.21 -3.39
CA LEU A 351 4.10 -8.24 -4.14
C LEU A 351 4.63 -6.85 -3.86
N VAL A 352 4.31 -5.89 -4.73
CA VAL A 352 4.74 -4.53 -4.52
C VAL A 352 3.55 -3.60 -4.75
N GLN A 353 3.67 -2.38 -4.27
CA GLN A 353 2.64 -1.37 -4.42
C GLN A 353 3.33 -0.05 -4.74
N LEU A 354 2.56 0.89 -5.29
CA LEU A 354 3.10 2.19 -5.60
C LEU A 354 1.99 3.22 -5.45
N TYR A 355 2.37 4.47 -5.24
CA TYR A 355 1.40 5.53 -5.10
C TYR A 355 2.00 6.83 -5.64
N THR A 356 3.03 7.32 -4.97
CA THR A 356 3.66 8.56 -5.39
C THR A 356 4.06 8.59 -6.86
N ALA A 357 4.51 7.45 -7.40
CA ALA A 357 4.90 7.39 -8.80
C ALA A 357 3.72 7.74 -9.70
N LEU A 358 2.53 7.33 -9.27
CA LEU A 358 1.31 7.58 -10.02
C LEU A 358 1.01 9.07 -10.09
N THR A 359 1.31 9.80 -9.02
CA THR A 359 1.05 11.23 -8.97
C THR A 359 1.97 12.06 -9.87
N PHE A 360 3.07 11.45 -10.32
CA PHE A 360 4.00 12.16 -11.19
C PHE A 360 3.88 11.75 -12.66
N TRP A 361 3.74 10.46 -12.91
CA TRP A 361 3.67 9.95 -14.28
C TRP A 361 2.27 9.59 -14.76
N GLY A 362 1.34 9.46 -13.83
CA GLY A 362 -0.03 9.12 -14.19
C GLY A 362 -0.24 7.64 -14.43
N PRO A 363 -1.46 7.26 -14.86
CA PRO A 363 -1.88 5.88 -15.14
C PRO A 363 -0.91 5.03 -15.96
N PRO A 364 -0.28 5.59 -17.00
CA PRO A 364 0.66 4.83 -17.83
C PRO A 364 1.81 4.18 -17.07
N VAL A 365 2.11 4.69 -15.87
CA VAL A 365 3.21 4.14 -15.11
C VAL A 365 2.98 2.69 -14.72
N VAL A 366 1.72 2.30 -14.58
CA VAL A 366 1.38 0.93 -14.21
C VAL A 366 1.82 -0.07 -15.27
N GLY A 367 1.49 0.21 -16.53
CA GLY A 367 1.87 -0.68 -17.60
C GLY A 367 3.36 -0.68 -17.78
N LYS A 368 3.97 0.50 -17.57
CA LYS A 368 5.42 0.65 -17.70
C LYS A 368 6.13 -0.27 -16.71
N VAL A 369 5.73 -0.21 -15.45
CA VAL A 369 6.35 -1.03 -14.41
C VAL A 369 6.19 -2.52 -14.73
N LYS A 370 4.99 -2.92 -15.14
CA LYS A 370 4.74 -4.32 -15.45
C LYS A 370 5.57 -4.79 -16.64
N ARG A 371 5.65 -3.96 -17.68
CA ARG A 371 6.41 -4.31 -18.88
C ARG A 371 7.91 -4.46 -18.57
N GLU A 372 8.47 -3.50 -17.81
CA GLU A 372 9.89 -3.55 -17.47
C GLU A 372 10.18 -4.71 -16.53
N LEU A 373 9.24 -4.99 -15.63
CA LEU A 373 9.43 -6.08 -14.68
C LEU A 373 9.53 -7.40 -15.45
N GLU A 374 8.62 -7.62 -16.39
CA GLU A 374 8.61 -8.83 -17.20
C GLU A 374 9.93 -8.99 -17.96
N ALA A 375 10.36 -7.93 -18.62
CA ALA A 375 11.61 -7.96 -19.38
C ALA A 375 12.80 -8.25 -18.46
N LEU A 376 12.82 -7.64 -17.29
CA LEU A 376 13.92 -7.86 -16.35
C LEU A 376 13.96 -9.29 -15.84
N LEU A 377 12.79 -9.87 -15.59
CA LEU A 377 12.71 -11.25 -15.12
C LEU A 377 13.33 -12.19 -16.16
N LYS A 378 12.95 -12.02 -17.41
CA LYS A 378 13.46 -12.84 -18.50
C LYS A 378 14.96 -12.63 -18.62
N GLU A 379 15.34 -11.37 -18.71
CA GLU A 379 16.72 -10.95 -18.84
C GLU A 379 17.62 -11.51 -17.73
N GLN A 380 17.02 -11.76 -16.56
CA GLN A 380 17.80 -12.28 -15.44
C GLN A 380 17.63 -13.78 -15.18
N GLY A 381 16.96 -14.46 -16.11
CA GLY A 381 16.78 -15.89 -15.99
C GLY A 381 15.68 -16.42 -15.09
N PHE A 382 14.81 -15.55 -14.59
CA PHE A 382 13.73 -16.01 -13.73
C PHE A 382 12.55 -16.50 -14.57
N GLY A 383 12.01 -17.66 -14.22
CA GLY A 383 10.87 -18.19 -14.95
C GLY A 383 9.63 -17.38 -14.69
N GLY A 384 9.61 -16.69 -13.55
CA GLY A 384 8.48 -15.87 -13.19
C GLY A 384 8.76 -15.12 -11.90
N VAL A 385 7.82 -14.27 -11.49
CA VAL A 385 7.94 -13.48 -10.27
C VAL A 385 8.25 -14.36 -9.07
N THR A 386 7.50 -15.45 -8.94
CA THR A 386 7.65 -16.39 -7.83
C THR A 386 9.09 -16.86 -7.66
N ASP A 387 9.80 -17.01 -8.77
CA ASP A 387 11.18 -17.48 -8.75
C ASP A 387 12.15 -16.42 -8.24
N ALA A 388 11.79 -15.16 -8.43
CA ALA A 388 12.64 -14.05 -8.00
C ALA A 388 12.48 -13.64 -6.55
N ILE A 389 11.34 -13.95 -5.95
CA ILE A 389 11.08 -13.58 -4.55
C ILE A 389 12.20 -14.04 -3.61
N GLY A 390 12.91 -13.09 -3.02
CA GLY A 390 13.99 -13.41 -2.10
C GLY A 390 15.29 -13.89 -2.73
N ALA A 391 15.37 -13.88 -4.06
CA ALA A 391 16.58 -14.35 -4.76
C ALA A 391 17.91 -13.79 -4.23
N ASP A 392 17.91 -12.54 -3.77
CA ASP A 392 19.15 -11.94 -3.27
C ASP A 392 19.69 -12.68 -2.05
N HIS A 393 18.78 -13.24 -1.27
CA HIS A 393 19.15 -13.95 -0.04
C HIS A 393 19.75 -15.34 -0.31
N ARG A 394 19.54 -15.86 -1.51
CA ARG A 394 20.05 -17.18 -1.87
C ARG A 394 21.35 -17.11 -2.65
N ARG A 395 21.75 -15.92 -3.06
CA ARG A 395 22.99 -15.74 -3.81
C ARG A 395 24.17 -15.54 -2.85
S SO4 B . -21.63 -17.09 4.01
O1 SO4 B . -21.19 -18.25 3.22
O2 SO4 B . -20.73 -16.92 5.17
O3 SO4 B . -21.57 -15.88 3.17
O4 SO4 B . -23.00 -17.29 4.47
C ACT C . 19.70 -1.69 -1.66
O ACT C . 20.95 -1.84 -1.62
OXT ACT C . 18.92 -2.53 -1.12
CH3 ACT C . 19.44 -0.22 -1.23
S SO4 D . -20.62 -9.89 4.56
O1 SO4 D . -19.23 -10.34 4.42
O2 SO4 D . -20.86 -9.45 5.95
O3 SO4 D . -20.83 -8.76 3.65
O4 SO4 D . -21.53 -10.99 4.22
S SO4 E . -11.19 -15.30 1.93
O1 SO4 E . -12.09 -14.14 2.09
O2 SO4 E . -11.52 -16.33 2.93
O3 SO4 E . -11.36 -15.87 0.58
O4 SO4 E . -9.79 -14.87 2.10
S SO4 F . 4.54 10.49 17.69
O1 SO4 F . 4.46 9.14 17.09
O2 SO4 F . 5.83 11.11 17.36
O3 SO4 F . 3.44 11.32 17.16
O4 SO4 F . 4.40 10.38 19.16
N1 FMN G . -0.58 4.44 3.91
C2 FMN G . -1.50 3.83 4.70
O2 FMN G . -1.30 2.76 5.23
N3 FMN G . -2.76 4.49 4.91
C4 FMN G . -3.11 5.68 4.38
O4 FMN G . -4.21 6.18 4.62
C4A FMN G . -2.10 6.35 3.52
N5 FMN G . -2.36 7.53 2.95
C5A FMN G . -1.40 8.11 2.14
C6 FMN G . -1.67 9.40 1.50
C7 FMN G . -0.74 10.01 0.66
C7M FMN G . -1.07 11.37 0.01
C8 FMN G . 0.54 9.37 0.41
C8M FMN G . 1.60 9.99 -0.50
C9 FMN G . 0.81 8.15 1.02
C9A FMN G . -0.13 7.50 1.89
N10 FMN G . 0.11 6.22 2.53
C10 FMN G . -0.82 5.62 3.33
C1' FMN G . 1.40 5.53 2.32
C2' FMN G . 1.51 4.74 1.02
O2' FMN G . 0.54 3.66 1.06
C3' FMN G . 2.92 4.08 0.88
O3' FMN G . 3.18 3.22 2.05
C4' FMN G . 4.07 5.11 0.84
O4' FMN G . 3.64 6.38 0.28
C5' FMN G . 5.26 4.61 0.03
O5' FMN G . 4.93 4.35 -1.34
P FMN G . 5.18 5.40 -2.54
O1P FMN G . 4.18 6.53 -2.40
O2P FMN G . 4.99 4.58 -3.79
O3P FMN G . 6.63 5.90 -2.41
N1 ORO H . -0.22 9.37 5.78
C2 ORO H . 0.83 8.47 5.53
O2 ORO H . 1.85 8.78 4.93
N3 ORO H . 0.66 7.17 6.01
C4 ORO H . -0.45 6.69 6.70
O4 ORO H . -0.52 5.53 7.07
C5 ORO H . -1.52 7.66 6.93
C6 ORO H . -1.36 8.92 6.48
C7 ORO H . -2.43 9.97 6.70
O71 ORO H . -3.61 9.80 6.40
O72 ORO H . -1.89 10.99 7.23
C1 ILB I . -6.62 9.12 -13.78
C1 ILB I . -6.72 9.11 -13.65
C2 ILB I . -6.48 9.60 -15.14
C2 ILB I . -6.59 9.58 -15.00
C3 ILB I . -5.57 10.73 -15.45
C3 ILB I . -5.65 10.66 -15.32
C7 ILB I . -5.86 9.73 -12.74
C7 ILB I . -5.94 9.69 -12.61
C8 ILB I . -3.59 10.40 -10.85
C8 ILB I . -4.27 12.74 -11.47
C9 ILB I . -2.96 10.89 -9.66
C9 ILB I . -3.61 13.27 -10.32
C11 ILB I . -2.95 12.34 -9.34
C11 ILB I . -2.92 12.40 -9.38
C13 ILB I . -3.58 13.28 -10.28
C13 ILB I . -2.90 10.97 -9.62
C15 ILB I . -4.22 12.80 -11.49
C15 ILB I . -3.57 10.41 -10.78
C16 ILB I . -2.67 12.57 -6.78
C16 ILB I . -1.48 14.08 -7.97
C19 ILB I . -1.05 14.23 -5.65
C19 ILB I . -1.41 13.79 -5.42
C20 ILB I . -0.53 14.43 -4.27
C20 ILB I . -0.73 14.48 -4.28
C21 ILB I . -1.53 13.67 -3.38
C21 ILB I . 0.43 15.24 -4.94
C22 ILB I . -2.02 12.55 -4.30
C22 ILB I . -0.12 15.53 -6.34
C27 ILB I . -6.49 12.15 -17.19
C27 ILB I . -6.55 12.03 -17.03
C4 ILB I . -4.76 11.36 -14.37
C4 ILB I . -4.84 11.26 -14.25
C5 ILB I . -4.91 10.85 -12.98
C5 ILB I . -4.99 10.78 -12.87
C6 ILB I . -4.25 11.34 -11.81
C6 ILB I . -4.28 11.29 -11.73
F10 ILB I . -2.40 10.05 -8.83
F10 ILB I . -3.61 14.57 -10.09
N12 ILB I . -2.36 12.78 -8.15
N12 ILB I . -2.31 12.99 -8.26
F14 ILB I . -3.59 14.57 -10.04
F14 ILB I . -2.30 10.15 -8.80
C17 ILB I . -1.91 13.14 -5.66
C17 ILB I . -1.05 14.41 -6.60
O18 ILB I . -3.67 11.86 -6.50
O18 ILB I . -1.09 14.81 -8.90
C23 ILB I . -0.62 15.16 -6.73
C23 ILB I . -2.31 12.64 -5.14
O24 ILB I . -0.99 15.09 -7.92
O24 ILB I . -2.93 12.01 -6.03
O25 ILB I . 0.24 16.16 -6.45
O25 ILB I . -2.50 12.22 -3.86
O26 ILB I . -5.48 11.15 -16.78
O26 ILB I . -5.52 11.10 -16.62
F28 ILB I . -6.49 13.27 -16.47
F28 ILB I . -6.61 13.07 -16.21
F29 ILB I . -6.25 12.45 -18.46
F29 ILB I . -6.26 12.45 -18.23
F30 ILB I . -7.70 11.62 -17.11
F30 ILB I . -7.74 11.46 -17.06
#